data_4FFS
#
_entry.id   4FFS
#
_cell.length_a   157.732
_cell.length_b   157.732
_cell.length_c   157.732
_cell.angle_alpha   90.00
_cell.angle_beta   90.00
_cell.angle_gamma   90.00
#
_symmetry.space_group_name_H-M   'I 4 3 2'
#
loop_
_entity.id
_entity.type
_entity.pdbx_description
1 polymer 'MTA/SAH nucleosidase'
2 non-polymer (3R,4S)-1-[(4-amino-5H-pyrrolo[3,2-d]pyrimidin-7-yl)methyl]-4-[(butylsulfanyl)methyl]pyrrolidin-3-ol
3 non-polymer 'CHLORIDE ION'
4 water water
#
_entity_poly.entity_id   1
_entity_poly.type   'polypeptide(L)'
_entity_poly.pdbx_seq_one_letter_code
;MHHHHHHEFMQKIGILGAMREEITPILELFGVDFEEIPLGGNVFHKGVYHNKEIIVAYSKIGKVHSTLTTTSMILAFGVQ
KVLFSGVAGSLVKDLKINDLLVATQLVQHDVDLSAFDHPLGFIPESAIFIETSGSLNALAKKIANEQHIALKEGVIASGD
QFVHSKERKEFLVSEFKASAVEMEGASVAFVCQKFGVPCCVLRSISDNADEKAGMSFDEFLEKSAHTSAKFLKSMVDEL
;
_entity_poly.pdbx_strand_id   A
#
loop_
_chem_comp.id
_chem_comp.type
_chem_comp.name
_chem_comp.formula
BIG non-polymer (3R,4S)-1-[(4-amino-5H-pyrrolo[3,2-d]pyrimidin-7-yl)methyl]-4-[(butylsulfanyl)methyl]pyrrolidin-3-ol 'C16 H25 N5 O S'
CL non-polymer 'CHLORIDE ION' 'Cl -1'
#
# COMPACT_ATOMS: atom_id res chain seq x y z
N GLU A 8 10.23 0.26 26.23
CA GLU A 8 9.73 1.37 27.09
C GLU A 8 9.31 2.61 26.28
N PHE A 9 10.23 3.12 25.46
CA PHE A 9 9.92 4.18 24.50
C PHE A 9 10.39 3.70 23.12
N MET A 10 9.76 2.63 22.69
CA MET A 10 10.05 2.02 21.40
C MET A 10 9.36 2.78 20.28
N GLN A 11 10.00 2.76 19.13
CA GLN A 11 9.42 3.24 17.89
C GLN A 11 8.15 2.43 17.61
N LYS A 12 7.11 3.11 17.15
CA LYS A 12 5.82 2.49 16.83
C LYS A 12 5.60 2.53 15.33
N ILE A 13 5.42 1.35 14.74
CA ILE A 13 5.28 1.20 13.31
CA ILE A 13 5.29 1.19 13.31
C ILE A 13 3.93 0.56 12.99
N GLY A 14 3.16 1.25 12.15
CA GLY A 14 1.87 0.73 11.69
C GLY A 14 2.10 -0.02 10.38
N ILE A 15 1.47 -1.17 10.25
CA ILE A 15 1.59 -1.97 9.05
C ILE A 15 0.21 -2.36 8.57
N LEU A 16 -0.10 -2.03 7.31
CA LEU A 16 -1.43 -2.18 6.78
C LEU A 16 -1.46 -3.04 5.54
N GLY A 17 -2.45 -3.91 5.47
CA GLY A 17 -2.94 -4.46 4.22
C GLY A 17 -4.41 -4.10 4.05
N ALA A 18 -4.98 -4.41 2.88
CA ALA A 18 -6.39 -4.17 2.64
C ALA A 18 -7.24 -5.38 3.01
N MET A 19 -6.84 -6.56 2.53
CA MET A 19 -7.57 -7.79 2.78
C MET A 19 -6.86 -8.60 3.85
N ARG A 20 -7.60 -9.46 4.56
CA ARG A 20 -6.96 -10.38 5.50
C ARG A 20 -5.79 -11.16 4.88
N GLU A 21 -5.96 -11.61 3.63
CA GLU A 21 -4.93 -12.37 2.95
C GLU A 21 -3.63 -11.60 2.82
N GLU A 22 -3.70 -10.27 2.81
CA GLU A 22 -2.46 -9.46 2.74
C GLU A 22 -1.69 -9.34 4.05
N ILE A 23 -2.37 -9.51 5.18
CA ILE A 23 -1.70 -9.49 6.49
C ILE A 23 -1.40 -10.86 7.10
N THR A 24 -2.11 -11.91 6.69
CA THR A 24 -1.81 -13.23 7.22
C THR A 24 -0.31 -13.60 7.14
N PRO A 25 0.31 -13.41 5.96
CA PRO A 25 1.74 -13.75 5.87
C PRO A 25 2.63 -12.81 6.69
N ILE A 26 2.20 -11.57 6.87
CA ILE A 26 2.95 -10.60 7.70
C ILE A 26 3.02 -11.06 9.16
N LEU A 27 1.84 -11.37 9.72
CA LEU A 27 1.78 -11.86 11.10
C LEU A 27 2.62 -13.13 11.29
N GLU A 28 2.54 -14.03 10.32
CA GLU A 28 3.29 -15.29 10.39
CA GLU A 28 3.30 -15.29 10.37
C GLU A 28 4.79 -15.04 10.29
N LEU A 29 5.20 -14.22 9.33
CA LEU A 29 6.63 -13.92 9.14
C LEU A 29 7.29 -13.23 10.35
N PHE A 30 6.62 -12.27 10.99
CA PHE A 30 7.19 -11.67 12.19
C PHE A 30 7.36 -12.70 13.31
N GLY A 31 6.37 -13.59 13.42
CA GLY A 31 6.49 -14.78 14.27
C GLY A 31 6.47 -14.51 15.76
N VAL A 32 5.94 -13.35 16.16
CA VAL A 32 5.82 -12.98 17.57
C VAL A 32 4.35 -13.06 17.99
N ASP A 33 4.08 -13.00 19.28
CA ASP A 33 2.73 -12.95 19.78
C ASP A 33 2.16 -11.54 19.57
N PHE A 34 0.85 -11.47 19.27
CA PHE A 34 0.15 -10.20 19.06
C PHE A 34 -1.06 -10.15 19.97
N GLU A 35 -1.33 -8.99 20.57
CA GLU A 35 -2.59 -8.69 21.22
C GLU A 35 -3.58 -8.13 20.19
N GLU A 36 -4.80 -8.66 20.18
CA GLU A 36 -5.81 -8.21 19.23
C GLU A 36 -6.64 -7.11 19.89
N ILE A 37 -6.63 -5.93 19.28
CA ILE A 37 -7.35 -4.78 19.80
C ILE A 37 -8.37 -4.27 18.78
N PRO A 38 -9.68 -4.40 19.08
CA PRO A 38 -10.67 -3.95 18.08
C PRO A 38 -10.92 -2.47 18.22
N LEU A 39 -11.03 -1.78 17.09
CA LEU A 39 -11.42 -0.38 17.11
C LEU A 39 -11.99 0.02 15.74
N GLY A 40 -13.15 0.69 15.77
CA GLY A 40 -13.79 1.13 14.53
C GLY A 40 -14.04 0.06 13.51
N GLY A 41 -14.24 -1.18 13.95
CA GLY A 41 -14.55 -2.28 13.06
C GLY A 41 -13.33 -2.95 12.45
N ASN A 42 -12.15 -2.50 12.85
CA ASN A 42 -10.88 -3.13 12.47
C ASN A 42 -10.32 -3.87 13.70
N VAL A 43 -9.45 -4.86 13.42
CA VAL A 43 -8.69 -5.53 14.47
C VAL A 43 -7.21 -5.17 14.32
N PHE A 44 -6.66 -4.55 15.36
CA PHE A 44 -5.25 -4.14 15.36
C PHE A 44 -4.42 -5.16 16.16
N HIS A 45 -3.42 -5.73 15.51
CA HIS A 45 -2.55 -6.73 16.10
C HIS A 45 -1.31 -6.02 16.60
N LYS A 46 -1.14 -5.95 17.91
CA LYS A 46 -0.06 -5.19 18.53
C LYS A 46 0.98 -6.14 19.11
N GLY A 47 2.21 -6.03 18.65
CA GLY A 47 3.27 -6.88 19.19
C GLY A 47 4.59 -6.13 19.26
N VAL A 48 5.62 -6.84 19.69
CA VAL A 48 6.96 -6.26 19.82
C VAL A 48 7.90 -7.13 19.00
N TYR A 49 8.61 -6.51 18.08
CA TYR A 49 9.51 -7.20 17.19
C TYR A 49 10.78 -6.36 17.02
N HIS A 50 11.91 -6.95 17.39
CA HIS A 50 13.22 -6.30 17.32
C HIS A 50 13.18 -4.90 17.93
N ASN A 51 12.61 -4.83 19.10
CA ASN A 51 12.57 -3.58 19.90
C ASN A 51 11.75 -2.46 19.24
N LYS A 52 10.78 -2.84 18.42
CA LYS A 52 9.81 -1.94 17.85
C LYS A 52 8.42 -2.45 18.18
N GLU A 53 7.49 -1.55 18.45
CA GLU A 53 6.10 -1.91 18.59
C GLU A 53 5.49 -1.92 17.20
N ILE A 54 4.98 -3.06 16.76
CA ILE A 54 4.41 -3.15 15.43
C ILE A 54 2.91 -3.35 15.60
N ILE A 55 2.15 -2.57 14.84
CA ILE A 55 0.70 -2.60 14.89
C ILE A 55 0.23 -2.98 13.48
N VAL A 56 -0.38 -4.14 13.35
CA VAL A 56 -0.73 -4.70 12.06
C VAL A 56 -2.25 -4.79 11.93
N ALA A 57 -2.79 -4.37 10.78
CA ALA A 57 -4.22 -4.54 10.53
C ALA A 57 -4.52 -4.60 9.04
N TYR A 58 -5.62 -5.28 8.69
CA TYR A 58 -6.19 -5.11 7.37
C TYR A 58 -7.38 -4.15 7.44
N SER A 59 -7.43 -3.25 6.47
CA SER A 59 -8.41 -2.17 6.50
C SER A 59 -9.80 -2.61 6.08
N LYS A 60 -9.84 -3.65 5.24
CA LYS A 60 -10.92 -3.94 4.32
C LYS A 60 -10.80 -3.06 3.06
N ILE A 61 -11.46 -3.51 2.03
CA ILE A 61 -11.21 -3.00 0.67
C ILE A 61 -11.69 -1.58 0.43
N GLY A 62 -10.87 -0.80 -0.30
CA GLY A 62 -11.33 0.48 -0.82
C GLY A 62 -10.95 1.70 0.00
N LYS A 63 -11.35 2.86 -0.50
CA LYS A 63 -10.80 4.13 -0.02
C LYS A 63 -11.36 4.54 1.33
N VAL A 64 -12.64 4.32 1.56
CA VAL A 64 -13.25 4.67 2.84
C VAL A 64 -12.67 3.81 3.98
N HIS A 65 -12.70 2.49 3.78
CA HIS A 65 -12.11 1.56 4.73
C HIS A 65 -10.65 1.94 5.07
N SER A 66 -9.82 2.14 4.05
CA SER A 66 -8.39 2.41 4.28
C SER A 66 -8.15 3.77 4.94
N THR A 67 -8.96 4.77 4.60
CA THR A 67 -8.84 6.08 5.23
C THR A 67 -9.12 5.97 6.73
N LEU A 68 -10.22 5.30 7.06
CA LEU A 68 -10.61 5.10 8.46
C LEU A 68 -9.51 4.38 9.24
N THR A 69 -9.02 3.28 8.69
CA THR A 69 -8.04 2.47 9.44
C THR A 69 -6.74 3.25 9.65
N THR A 70 -6.32 4.00 8.64
CA THR A 70 -5.10 4.78 8.75
C THR A 70 -5.23 5.85 9.82
N THR A 71 -6.39 6.52 9.83
CA THR A 71 -6.66 7.55 10.78
C THR A 71 -6.67 6.97 12.18
N SER A 72 -7.29 5.82 12.36
CA SER A 72 -7.28 5.17 13.67
C SER A 72 -5.88 4.82 14.12
N MET A 73 -5.09 4.28 13.21
CA MET A 73 -3.72 3.87 13.54
C MET A 73 -2.92 5.06 14.06
N ILE A 74 -3.04 6.19 13.39
CA ILE A 74 -2.34 7.41 13.80
C ILE A 74 -2.90 8.04 15.09
N LEU A 75 -4.21 8.31 15.15
CA LEU A 75 -4.79 8.99 16.29
C LEU A 75 -4.89 8.11 17.53
N ALA A 76 -5.23 6.84 17.36
CA ALA A 76 -5.46 6.00 18.52
C ALA A 76 -4.23 5.21 18.96
N PHE A 77 -3.42 4.78 18.01
CA PHE A 77 -2.22 4.01 18.34
C PHE A 77 -0.92 4.82 18.31
N GLY A 78 -0.94 6.06 17.84
CA GLY A 78 0.24 6.90 17.78
C GLY A 78 1.39 6.37 16.95
N VAL A 79 1.10 5.63 15.88
CA VAL A 79 2.20 5.17 15.03
C VAL A 79 2.99 6.30 14.40
N GLN A 80 4.27 6.06 14.23
CA GLN A 80 5.25 7.07 13.76
C GLN A 80 5.63 6.88 12.32
N LYS A 81 5.28 5.74 11.74
CA LYS A 81 5.45 5.49 10.31
C LYS A 81 4.37 4.49 9.94
N VAL A 82 3.96 4.53 8.68
CA VAL A 82 2.99 3.57 8.16
C VAL A 82 3.55 2.92 6.89
N LEU A 83 3.57 1.60 6.88
CA LEU A 83 4.01 0.80 5.74
C LEU A 83 2.82 -0.02 5.27
N PHE A 84 2.45 0.13 4.00
CA PHE A 84 1.40 -0.64 3.41
C PHE A 84 2.02 -1.75 2.58
N SER A 85 1.48 -2.96 2.69
CA SER A 85 1.94 -4.11 1.92
C SER A 85 0.74 -4.86 1.36
N GLY A 86 0.79 -5.19 0.07
CA GLY A 86 -0.30 -5.95 -0.54
C GLY A 86 -0.05 -6.16 -2.01
N VAL A 87 -1.13 -6.39 -2.76
CA VAL A 87 -1.04 -6.75 -4.18
C VAL A 87 -1.62 -5.62 -5.04
N ALA A 88 -1.32 -5.62 -6.34
CA ALA A 88 -1.83 -4.58 -7.23
C ALA A 88 -1.91 -5.09 -8.67
N GLY A 89 -2.69 -4.40 -9.49
CA GLY A 89 -2.73 -4.69 -10.93
C GLY A 89 -1.63 -3.93 -11.66
N SER A 90 -0.95 -4.58 -12.61
CA SER A 90 0.10 -3.93 -13.39
C SER A 90 -0.49 -3.16 -14.56
N LEU A 91 0.02 -1.95 -14.78
CA LEU A 91 -0.42 -1.14 -15.91
C LEU A 91 0.65 -1.02 -16.98
N VAL A 92 1.83 -1.58 -16.74
CA VAL A 92 2.98 -1.42 -17.65
C VAL A 92 3.65 -2.76 -17.86
N LYS A 93 4.13 -3.00 -19.08
CA LYS A 93 4.60 -4.36 -19.43
C LYS A 93 5.83 -4.81 -18.66
N ASP A 94 6.63 -3.88 -18.17
CA ASP A 94 7.80 -4.29 -17.40
C ASP A 94 7.48 -4.68 -15.93
N LEU A 95 6.23 -4.57 -15.50
CA LEU A 95 5.82 -5.05 -14.18
C LEU A 95 4.98 -6.30 -14.37
N LYS A 96 5.58 -7.44 -14.07
CA LYS A 96 4.96 -8.75 -14.28
C LYS A 96 4.50 -9.34 -12.97
N ILE A 97 3.71 -10.42 -13.06
CA ILE A 97 3.24 -11.11 -11.89
C ILE A 97 4.36 -11.36 -10.88
N ASN A 98 4.07 -11.03 -9.61
CA ASN A 98 5.01 -11.16 -8.50
C ASN A 98 6.00 -10.01 -8.35
N ASP A 99 6.16 -9.15 -9.35
CA ASP A 99 7.16 -8.08 -9.27
C ASP A 99 6.74 -7.07 -8.20
N LEU A 100 7.73 -6.48 -7.54
CA LEU A 100 7.50 -5.47 -6.51
C LEU A 100 7.65 -4.05 -7.06
N LEU A 101 6.85 -3.14 -6.51
CA LEU A 101 7.11 -1.70 -6.67
C LEU A 101 6.75 -0.92 -5.42
N VAL A 102 7.39 0.22 -5.28
CA VAL A 102 7.01 1.22 -4.30
C VAL A 102 6.45 2.41 -5.05
N ALA A 103 5.39 2.99 -4.48
CA ALA A 103 4.77 4.18 -5.00
C ALA A 103 5.60 5.41 -4.69
N THR A 104 6.03 6.12 -5.73
CA THR A 104 6.67 7.40 -5.53
C THR A 104 5.58 8.45 -5.28
N GLN A 105 4.46 8.30 -5.96
CA GLN A 105 3.31 9.16 -5.76
C GLN A 105 2.05 8.36 -5.91
N LEU A 106 0.97 8.83 -5.27
CA LEU A 106 -0.34 8.21 -5.50
C LEU A 106 -1.40 9.21 -5.95
N VAL A 107 -2.40 8.69 -6.63
CA VAL A 107 -3.50 9.47 -7.13
C VAL A 107 -4.81 8.72 -6.93
N GLN A 108 -5.87 9.45 -6.69
CA GLN A 108 -7.21 8.91 -6.66
C GLN A 108 -7.80 9.01 -8.09
N HIS A 109 -7.74 7.88 -8.82
CA HIS A 109 -7.96 7.91 -10.25
C HIS A 109 -9.42 8.07 -10.64
N ASP A 110 -10.33 7.87 -9.69
CA ASP A 110 -11.75 7.93 -9.95
C ASP A 110 -12.43 9.26 -9.56
N VAL A 111 -11.66 10.21 -9.05
CA VAL A 111 -12.17 11.51 -8.68
C VAL A 111 -12.43 12.34 -9.96
N ASP A 112 -13.65 12.86 -10.11
CA ASP A 112 -14.06 13.60 -11.33
C ASP A 112 -14.92 14.80 -11.03
N LEU A 113 -14.27 15.94 -10.97
CA LEU A 113 -14.89 17.26 -10.82
C LEU A 113 -14.70 18.08 -12.12
N SER A 114 -14.63 17.37 -13.24
CA SER A 114 -14.44 17.99 -14.56
C SER A 114 -15.62 18.89 -14.97
N ALA A 115 -16.78 18.69 -14.35
CA ALA A 115 -17.92 19.56 -14.56
C ALA A 115 -17.55 21.02 -14.27
N PHE A 116 -16.57 21.24 -13.39
CA PHE A 116 -16.12 22.58 -13.04
C PHE A 116 -14.72 22.88 -13.59
N ASP A 117 -14.36 22.17 -14.64
CA ASP A 117 -13.07 22.29 -15.31
C ASP A 117 -11.85 22.00 -14.44
N HIS A 118 -12.03 21.22 -13.38
CA HIS A 118 -10.88 20.73 -12.62
C HIS A 118 -10.29 19.52 -13.35
N PRO A 119 -8.98 19.41 -13.37
CA PRO A 119 -8.38 18.19 -13.92
C PRO A 119 -8.85 16.95 -13.16
N LEU A 120 -8.95 15.84 -13.88
CA LEU A 120 -9.29 14.56 -13.27
C LEU A 120 -8.28 14.24 -12.16
N GLY A 121 -8.78 13.70 -11.05
CA GLY A 121 -7.96 13.40 -9.88
C GLY A 121 -7.85 14.54 -8.87
N PHE A 122 -8.26 15.75 -9.26
CA PHE A 122 -8.06 16.96 -8.46
C PHE A 122 -9.30 17.31 -7.66
N ILE A 123 -9.09 17.71 -6.40
CA ILE A 123 -10.14 18.21 -5.53
C ILE A 123 -9.64 19.52 -4.93
N PRO A 124 -10.50 20.58 -4.95
CA PRO A 124 -10.14 21.86 -4.33
C PRO A 124 -9.58 21.68 -2.92
N GLU A 125 -8.52 22.43 -2.64
CA GLU A 125 -7.83 22.41 -1.35
C GLU A 125 -7.02 21.14 -1.17
N SER A 126 -6.79 20.41 -2.26
CA SER A 126 -5.92 19.25 -2.19
C SER A 126 -4.98 19.27 -3.41
N ALA A 127 -4.59 18.11 -3.93
CA ALA A 127 -3.70 18.02 -5.09
C ALA A 127 -3.95 16.70 -5.77
N ILE A 128 -3.63 16.61 -7.05
CA ILE A 128 -3.79 15.32 -7.77
C ILE A 128 -2.88 14.23 -7.16
N PHE A 129 -1.60 14.54 -6.98
CA PHE A 129 -0.64 13.54 -6.56
C PHE A 129 -0.22 13.70 -5.10
N ILE A 130 -0.19 12.58 -4.40
CA ILE A 130 0.22 12.52 -3.00
CA ILE A 130 0.23 12.54 -3.00
C ILE A 130 1.59 11.85 -2.92
N GLU A 131 2.52 12.49 -2.23
CA GLU A 131 3.89 11.98 -2.06
C GLU A 131 3.99 10.99 -0.90
N THR A 132 4.96 10.10 -1.01
CA THR A 132 5.35 9.17 0.04
C THR A 132 6.75 9.51 0.56
N SER A 133 7.24 8.73 1.50
CA SER A 133 8.50 9.00 2.19
C SER A 133 9.71 8.66 1.33
N GLY A 134 10.46 9.69 0.93
CA GLY A 134 11.73 9.48 0.22
C GLY A 134 12.69 8.56 0.97
N SER A 135 12.79 8.76 2.28
CA SER A 135 13.67 7.94 3.12
C SER A 135 13.30 6.46 3.13
N LEU A 136 12.02 6.15 3.32
CA LEU A 136 11.58 4.76 3.26
C LEU A 136 11.73 4.16 1.87
N ASN A 137 11.40 4.94 0.86
CA ASN A 137 11.56 4.44 -0.49
C ASN A 137 13.04 4.15 -0.81
N ALA A 138 13.93 4.99 -0.30
CA ALA A 138 15.38 4.79 -0.51
C ALA A 138 15.86 3.54 0.24
N LEU A 139 15.32 3.30 1.44
CA LEU A 139 15.61 2.08 2.18
C LEU A 139 15.17 0.83 1.40
N ALA A 140 13.96 0.87 0.85
CA ALA A 140 13.50 -0.26 0.07
C ALA A 140 14.44 -0.52 -1.11
N LYS A 141 14.80 0.54 -1.83
CA LYS A 141 15.75 0.43 -2.95
C LYS A 141 17.11 -0.19 -2.48
N LYS A 142 17.65 0.29 -1.38
CA LYS A 142 18.89 -0.26 -0.81
C LYS A 142 18.80 -1.76 -0.53
N ILE A 143 17.74 -2.16 0.17
CA ILE A 143 17.51 -3.57 0.51
C ILE A 143 17.31 -4.43 -0.73
N ALA A 144 16.49 -3.96 -1.66
CA ALA A 144 16.25 -4.72 -2.90
C ALA A 144 17.55 -4.98 -3.68
N ASN A 145 18.41 -3.97 -3.75
CA ASN A 145 19.70 -4.13 -4.42
CA ASN A 145 19.71 -4.11 -4.41
C ASN A 145 20.61 -5.10 -3.67
N GLU A 146 20.64 -5.00 -2.34
CA GLU A 146 21.42 -5.93 -1.52
C GLU A 146 20.91 -7.38 -1.59
N GLN A 147 19.60 -7.57 -1.77
CA GLN A 147 18.98 -8.89 -1.91
C GLN A 147 18.94 -9.38 -3.35
N HIS A 148 19.42 -8.56 -4.29
CA HIS A 148 19.34 -8.84 -5.72
C HIS A 148 17.92 -9.13 -6.19
N ILE A 149 16.99 -8.30 -5.72
CA ILE A 149 15.58 -8.38 -6.09
C ILE A 149 15.27 -7.15 -6.94
N ALA A 150 14.43 -7.29 -7.94
CA ALA A 150 14.04 -6.12 -8.73
C ALA A 150 13.00 -5.32 -7.90
N LEU A 151 13.08 -4.00 -7.98
CA LEU A 151 12.11 -3.13 -7.34
C LEU A 151 11.91 -1.90 -8.19
N LYS A 152 10.70 -1.73 -8.68
CA LYS A 152 10.37 -0.55 -9.44
C LYS A 152 9.84 0.56 -8.53
N GLU A 153 9.88 1.77 -9.03
CA GLU A 153 9.33 2.92 -8.37
C GLU A 153 8.36 3.52 -9.37
N GLY A 154 7.19 3.95 -8.94
CA GLY A 154 6.35 4.70 -9.84
C GLY A 154 5.08 5.17 -9.20
N VAL A 155 4.21 5.70 -10.05
CA VAL A 155 2.94 6.24 -9.64
C VAL A 155 1.95 5.08 -9.48
N ILE A 156 1.22 5.09 -8.37
CA ILE A 156 0.18 4.11 -8.18
C ILE A 156 -1.15 4.83 -8.13
N ALA A 157 -2.11 4.29 -8.88
CA ALA A 157 -3.44 4.81 -8.96
C ALA A 157 -4.38 4.00 -8.07
N SER A 158 -5.18 4.70 -7.29
CA SER A 158 -6.15 4.07 -6.40
C SER A 158 -7.56 4.54 -6.71
N GLY A 159 -8.50 3.61 -6.69
CA GLY A 159 -9.89 3.95 -6.84
C GLY A 159 -10.77 2.88 -6.26
N ASP A 160 -12.08 3.09 -6.28
CA ASP A 160 -13.04 2.17 -5.68
C ASP A 160 -13.69 1.21 -6.69
N GLN A 161 -12.93 0.91 -7.73
CA GLN A 161 -13.31 -0.11 -8.70
C GLN A 161 -12.16 -1.10 -8.92
N PHE A 162 -12.48 -2.37 -9.07
CA PHE A 162 -11.49 -3.33 -9.52
C PHE A 162 -11.35 -3.13 -11.03
N VAL A 163 -10.13 -2.84 -11.50
CA VAL A 163 -9.93 -2.47 -12.89
C VAL A 163 -9.66 -3.75 -13.70
N HIS A 164 -10.44 -3.94 -14.75
CA HIS A 164 -10.33 -5.17 -15.54
C HIS A 164 -10.80 -4.96 -16.98
N SER A 165 -10.31 -3.89 -17.57
CA SER A 165 -10.67 -3.55 -18.93
C SER A 165 -9.52 -2.79 -19.53
N LYS A 166 -9.28 -3.04 -20.81
CA LYS A 166 -8.22 -2.39 -21.52
C LYS A 166 -8.44 -0.88 -21.54
N GLU A 167 -9.69 -0.46 -21.71
CA GLU A 167 -10.01 0.96 -21.77
C GLU A 167 -9.60 1.72 -20.49
N ARG A 168 -9.89 1.14 -19.34
CA ARG A 168 -9.60 1.86 -18.07
C ARG A 168 -8.10 1.87 -17.83
N LYS A 169 -7.45 0.75 -18.14
CA LYS A 169 -6.02 0.64 -18.02
C LYS A 169 -5.30 1.73 -18.83
N GLU A 170 -5.73 1.90 -20.08
CA GLU A 170 -5.16 2.94 -20.95
C GLU A 170 -5.43 4.34 -20.45
N PHE A 171 -6.62 4.56 -19.93
CA PHE A 171 -6.90 5.83 -19.27
C PHE A 171 -5.92 6.11 -18.13
N LEU A 172 -5.65 5.11 -17.29
CA LEU A 172 -4.79 5.34 -16.13
C LEU A 172 -3.38 5.70 -16.56
N VAL A 173 -2.92 5.04 -17.63
CA VAL A 173 -1.62 5.35 -18.17
C VAL A 173 -1.61 6.75 -18.81
N SER A 174 -2.59 7.06 -19.64
CA SER A 174 -2.56 8.33 -20.35
C SER A 174 -2.78 9.50 -19.41
N GLU A 175 -3.71 9.36 -18.46
CA GLU A 175 -4.08 10.49 -17.60
C GLU A 175 -3.04 10.71 -16.51
N PHE A 176 -2.56 9.65 -15.89
CA PHE A 176 -1.76 9.79 -14.68
C PHE A 176 -0.34 9.24 -14.76
N LYS A 177 0.00 8.60 -15.89
CA LYS A 177 1.26 7.89 -16.03
C LYS A 177 1.49 6.88 -14.91
N ALA A 178 0.42 6.19 -14.51
CA ALA A 178 0.48 5.23 -13.39
C ALA A 178 1.17 3.95 -13.85
N SER A 179 1.85 3.28 -12.93
CA SER A 179 2.48 2.00 -13.20
C SER A 179 1.66 0.82 -12.67
N ALA A 180 0.84 1.07 -11.66
CA ALA A 180 0.02 0.04 -11.06
C ALA A 180 -1.28 0.62 -10.52
N VAL A 181 -2.25 -0.27 -10.30
CA VAL A 181 -3.56 0.11 -9.82
C VAL A 181 -3.98 -0.71 -8.60
N GLU A 182 -4.61 -0.05 -7.64
CA GLU A 182 -5.13 -0.73 -6.46
C GLU A 182 -6.25 0.12 -5.87
N MET A 183 -6.64 -0.09 -4.63
CA MET A 183 -7.86 0.55 -4.15
C MET A 183 -7.69 1.27 -2.79
N GLU A 184 -6.46 1.37 -2.30
CA GLU A 184 -6.20 1.84 -0.94
C GLU A 184 -4.98 2.75 -0.75
N GLY A 185 -3.97 2.64 -1.61
CA GLY A 185 -2.73 3.34 -1.35
C GLY A 185 -2.86 4.85 -1.23
N ALA A 186 -3.59 5.47 -2.15
CA ALA A 186 -3.73 6.94 -2.12
C ALA A 186 -4.39 7.40 -0.83
N SER A 187 -5.41 6.68 -0.36
CA SER A 187 -6.06 7.08 0.88
C SER A 187 -5.14 6.94 2.09
N VAL A 188 -4.37 5.84 2.14
CA VAL A 188 -3.41 5.69 3.20
C VAL A 188 -2.37 6.80 3.16
N ALA A 189 -1.81 7.07 1.97
CA ALA A 189 -0.76 8.11 1.86
C ALA A 189 -1.32 9.51 2.17
N PHE A 190 -2.55 9.76 1.76
CA PHE A 190 -3.20 11.03 1.97
C PHE A 190 -3.30 11.31 3.46
N VAL A 191 -3.83 10.35 4.20
CA VAL A 191 -3.97 10.53 5.66
C VAL A 191 -2.62 10.76 6.32
N CYS A 192 -1.64 9.95 5.96
CA CYS A 192 -0.32 10.08 6.55
C CYS A 192 0.24 11.47 6.34
N GLN A 193 0.11 11.95 5.13
CA GLN A 193 0.54 13.30 4.77
CA GLN A 193 0.62 13.27 4.82
C GLN A 193 -0.08 14.36 5.66
N LYS A 194 -1.41 14.28 5.84
CA LYS A 194 -2.13 15.26 6.65
C LYS A 194 -1.62 15.29 8.10
N PHE A 195 -1.11 14.15 8.60
CA PHE A 195 -0.65 14.07 9.98
C PHE A 195 0.88 14.09 10.10
N GLY A 196 1.55 14.36 8.99
CA GLY A 196 3.01 14.39 8.98
C GLY A 196 3.72 13.08 9.34
N VAL A 197 3.13 11.95 8.92
CA VAL A 197 3.64 10.62 9.24
C VAL A 197 4.27 10.01 7.99
N PRO A 198 5.53 9.58 8.07
CA PRO A 198 6.16 8.95 6.90
C PRO A 198 5.40 7.70 6.44
N CYS A 199 5.25 7.54 5.14
CA CYS A 199 4.42 6.48 4.57
C CYS A 199 5.18 5.81 3.45
N CYS A 200 5.08 4.48 3.38
CA CYS A 200 5.60 3.72 2.23
C CYS A 200 4.53 2.76 1.75
N VAL A 201 4.24 2.80 0.44
CA VAL A 201 3.26 1.90 -0.15
C VAL A 201 3.99 0.91 -1.07
N LEU A 202 3.97 -0.35 -0.65
CA LEU A 202 4.65 -1.44 -1.32
C LEU A 202 3.63 -2.40 -1.88
N ARG A 203 3.75 -2.75 -3.15
CA ARG A 203 2.83 -3.68 -3.77
C ARG A 203 3.57 -4.74 -4.62
N SER A 204 2.98 -5.92 -4.67
CA SER A 204 3.42 -7.00 -5.58
C SER A 204 2.30 -7.29 -6.56
N ILE A 205 2.66 -7.44 -7.83
CA ILE A 205 1.70 -7.58 -8.90
C ILE A 205 0.97 -8.92 -8.83
N SER A 206 -0.36 -8.85 -8.90
CA SER A 206 -1.22 -10.02 -8.92
C SER A 206 -1.91 -10.28 -10.26
N ASP A 207 -1.96 -9.27 -11.13
CA ASP A 207 -2.76 -9.33 -12.36
C ASP A 207 -2.38 -8.16 -13.22
N ASN A 208 -2.93 -8.11 -14.42
CA ASN A 208 -2.59 -7.10 -15.40
C ASN A 208 -3.72 -6.12 -15.66
N ALA A 209 -4.71 -6.10 -14.77
CA ALA A 209 -5.75 -5.08 -14.77
C ALA A 209 -6.56 -5.03 -16.07
N ASP A 210 -6.69 -6.20 -16.68
CA ASP A 210 -7.41 -6.34 -17.92
C ASP A 210 -8.57 -7.33 -17.74
N GLU A 211 -9.10 -7.80 -18.85
CA GLU A 211 -10.30 -8.64 -18.80
C GLU A 211 -10.03 -9.97 -18.14
N LYS A 212 -8.76 -10.35 -18.00
CA LYS A 212 -8.41 -11.59 -17.31
C LYS A 212 -8.02 -11.39 -15.85
N ALA A 213 -8.19 -10.16 -15.35
CA ALA A 213 -7.63 -9.79 -14.04
C ALA A 213 -8.25 -10.57 -12.89
N GLY A 214 -9.55 -10.82 -12.96
CA GLY A 214 -10.22 -11.58 -11.91
C GLY A 214 -9.62 -12.96 -11.73
N MET A 215 -9.45 -13.65 -12.85
CA MET A 215 -8.72 -14.94 -12.91
C MET A 215 -7.33 -14.90 -12.32
N SER A 216 -6.52 -13.94 -12.78
CA SER A 216 -5.11 -13.83 -12.38
C SER A 216 -5.06 -13.52 -10.89
N PHE A 217 -5.89 -12.58 -10.46
CA PHE A 217 -5.93 -12.20 -9.04
C PHE A 217 -6.21 -13.39 -8.15
N ASP A 218 -7.23 -14.16 -8.52
CA ASP A 218 -7.57 -15.40 -7.78
C ASP A 218 -6.40 -16.36 -7.72
N GLU A 219 -5.66 -16.47 -8.80
CA GLU A 219 -4.54 -17.40 -8.88
C GLU A 219 -3.35 -16.95 -8.04
N PHE A 220 -3.07 -15.63 -8.05
CA PHE A 220 -1.81 -15.12 -7.54
C PHE A 220 -1.89 -14.28 -6.23
N LEU A 221 -3.10 -14.06 -5.70
CA LEU A 221 -3.25 -13.27 -4.49
C LEU A 221 -2.32 -13.76 -3.37
N GLU A 222 -2.39 -15.05 -3.09
CA GLU A 222 -1.64 -15.63 -1.97
CA GLU A 222 -1.64 -15.60 -1.96
C GLU A 222 -0.14 -15.45 -2.13
N LYS A 223 0.37 -15.84 -3.27
CA LYS A 223 1.79 -15.73 -3.55
C LYS A 223 2.29 -14.28 -3.60
N SER A 224 1.56 -13.42 -4.30
CA SER A 224 1.97 -12.02 -4.43
C SER A 224 1.92 -11.36 -3.04
N ALA A 225 0.89 -11.66 -2.26
CA ALA A 225 0.80 -11.10 -0.89
C ALA A 225 1.98 -11.50 -0.02
N HIS A 226 2.40 -12.76 -0.17
CA HIS A 226 3.52 -13.28 0.57
C HIS A 226 4.81 -12.58 0.12
N THR A 227 4.96 -12.37 -1.18
CA THR A 227 6.16 -11.66 -1.69
C THR A 227 6.29 -10.23 -1.09
N SER A 228 5.17 -9.52 -1.06
CA SER A 228 5.13 -8.19 -0.49
C SER A 228 5.42 -8.27 1.00
N ALA A 229 4.76 -9.21 1.70
CA ALA A 229 4.96 -9.37 3.14
C ALA A 229 6.43 -9.62 3.51
N LYS A 230 7.07 -10.51 2.76
CA LYS A 230 8.47 -10.84 3.00
C LYS A 230 9.36 -9.60 2.85
N PHE A 231 9.08 -8.79 1.84
CA PHE A 231 9.85 -7.60 1.60
C PHE A 231 9.61 -6.55 2.68
N LEU A 232 8.34 -6.35 3.06
CA LEU A 232 8.04 -5.47 4.17
C LEU A 232 8.81 -5.84 5.43
N LYS A 233 8.84 -7.12 5.77
CA LYS A 233 9.55 -7.56 6.98
CA LYS A 233 9.55 -7.54 6.99
C LYS A 233 11.02 -7.19 6.89
N SER A 234 11.60 -7.38 5.70
CA SER A 234 13.01 -7.06 5.46
C SER A 234 13.27 -5.55 5.68
N MET A 235 12.27 -4.71 5.41
CA MET A 235 12.36 -3.27 5.67
C MET A 235 12.31 -2.99 7.15
N VAL A 236 11.32 -3.58 7.83
CA VAL A 236 11.18 -3.42 9.26
C VAL A 236 12.44 -3.86 10.01
N ASP A 237 13.08 -4.93 9.54
CA ASP A 237 14.34 -5.38 10.13
C ASP A 237 15.41 -4.29 10.19
N GLU A 238 15.38 -3.35 9.24
CA GLU A 238 16.37 -2.25 9.22
C GLU A 238 15.89 -0.92 9.77
N LEU A 239 14.67 -0.87 10.29
CA LEU A 239 14.15 0.38 10.85
C LEU A 239 14.63 0.57 12.29
C2 BIG B . -7.85 -2.60 -8.52
C5 BIG B . -6.29 -4.88 -8.86
C4 BIG B . -6.42 -4.17 -7.58
C8 BIG B . -5.05 -6.00 -7.36
O3' BIG B . -8.16 -4.62 -1.97
C3' BIG B . -8.53 -4.67 -3.36
C4' BIG B . -8.42 -6.08 -3.90
C5' BIG B . -9.20 -6.31 -5.19
S5' BIG B . -10.93 -6.36 -4.93
C20 BIG B . -11.19 -8.07 -4.50
C21 BIG B . -12.65 -8.25 -4.12
C22 BIG B . -13.07 -9.71 -3.97
C23 BIG B . -12.20 -10.43 -2.97
C1' BIG B . -6.93 -6.24 -4.20
N1' BIG B . -6.39 -4.86 -4.16
C2' BIG B . -7.50 -3.90 -4.17
C10 BIG B . -5.37 -4.59 -5.16
N7 BIG B . -5.46 -5.93 -8.67
C6 BIG B . -7.03 -4.30 -9.98
N6 BIG B . -6.94 -4.91 -11.20
N3 BIG B . -7.18 -3.08 -7.44
C9 BIG B . -5.61 -4.93 -6.62
N1 BIG B . -7.79 -3.20 -9.75
CL CL C . 6.47 -12.89 21.05
#